data_7NIP
#
_entry.id   7NIP
#
_entity_poly.entity_id   1
_entity_poly.type   'polypeptide(L)'
_entity_poly.pdbx_seq_one_letter_code
;MDIMELLKNVDPKEYEKYARMYGITDFRGLLQAFELLKQSQ
;
_entity_poly.pdbx_strand_id   A
#
# COMPACT_ATOMS: atom_id res chain seq x y z
N ASP A 2 -7.06 8.79 -0.48
CA ASP A 2 -5.63 8.70 -0.20
C ASP A 2 -5.21 7.27 0.10
N ILE A 3 -4.54 6.65 -0.86
CA ILE A 3 -4.14 5.25 -0.75
C ILE A 3 -3.19 5.04 0.42
N MET A 4 -2.20 5.91 0.53
CA MET A 4 -1.19 5.80 1.58
C MET A 4 -1.84 5.83 2.96
N GLU A 5 -2.82 6.71 3.13
CA GLU A 5 -3.54 6.82 4.40
C GLU A 5 -4.21 5.51 4.76
N LEU A 6 -4.76 4.83 3.76
CA LEU A 6 -5.37 3.52 3.96
C LEU A 6 -4.31 2.46 4.26
N LEU A 7 -3.15 2.59 3.61
CA LEU A 7 -2.08 1.61 3.75
C LEU A 7 -1.42 1.71 5.11
N LYS A 8 -1.67 2.81 5.81
CA LYS A 8 -1.19 2.99 7.18
C LYS A 8 -1.75 1.90 8.09
N ASN A 9 -2.91 1.35 7.72
CA ASN A 9 -3.54 0.30 8.50
C ASN A 9 -3.28 -1.08 7.88
N VAL A 10 -2.34 -1.13 6.94
CA VAL A 10 -2.05 -2.36 6.22
C VAL A 10 -0.57 -2.70 6.27
N ASP A 11 -0.27 -3.97 6.49
CA ASP A 11 1.12 -4.44 6.51
C ASP A 11 1.73 -4.38 5.11
N PRO A 12 3.05 -4.20 5.05
CA PRO A 12 3.75 -4.09 3.78
C PRO A 12 3.74 -5.42 3.03
N LYS A 13 3.44 -6.50 3.74
CA LYS A 13 3.33 -7.82 3.13
C LYS A 13 1.89 -8.12 2.74
N GLU A 14 1.00 -7.18 3.02
CA GLU A 14 -0.42 -7.34 2.69
C GLU A 14 -0.82 -6.43 1.53
N TYR A 15 0.16 -6.00 0.75
CA TYR A 15 -0.10 -5.22 -0.44
C TYR A 15 -1.00 -5.96 -1.41
N GLU A 16 -0.90 -7.29 -1.39
CA GLU A 16 -1.74 -8.13 -2.23
C GLU A 16 -3.19 -8.10 -1.77
N LYS A 17 -3.39 -8.14 -0.45
CA LYS A 17 -4.73 -8.06 0.12
C LYS A 17 -5.41 -6.75 -0.25
N TYR A 18 -4.69 -5.64 -0.11
CA TYR A 18 -5.20 -4.34 -0.48
C TYR A 18 -5.57 -4.29 -1.96
N ALA A 19 -4.68 -4.82 -2.80
CA ALA A 19 -4.90 -4.84 -4.24
C ALA A 19 -6.18 -5.59 -4.58
N ARG A 20 -6.41 -6.71 -3.89
CA ARG A 20 -7.59 -7.54 -4.15
C ARG A 20 -8.87 -6.86 -3.68
N MET A 21 -8.78 -6.17 -2.55
CA MET A 21 -9.93 -5.51 -1.95
C MET A 21 -10.33 -4.27 -2.74
N TYR A 22 -9.32 -3.51 -3.18
CA TYR A 22 -9.56 -2.21 -3.79
C TYR A 22 -9.37 -2.26 -5.30
N GLY A 23 -9.00 -3.43 -5.80
CA GLY A 23 -8.93 -3.66 -7.23
C GLY A 23 -7.75 -2.92 -7.86
N ILE A 24 -6.60 -2.99 -7.21
CA ILE A 24 -5.41 -2.30 -7.68
C ILE A 24 -4.53 -3.23 -8.52
N THR A 25 -4.25 -2.81 -9.75
CA THR A 25 -3.41 -3.58 -10.65
C THR A 25 -1.94 -3.22 -10.47
N ASP A 26 -1.68 -1.99 -10.07
CA ASP A 26 -0.31 -1.52 -9.85
C ASP A 26 0.17 -1.87 -8.44
N PHE A 27 0.49 -3.14 -8.24
CA PHE A 27 0.96 -3.60 -6.93
C PHE A 27 2.32 -3.00 -6.59
N ARG A 28 3.07 -2.63 -7.61
CA ARG A 28 4.36 -1.98 -7.42
C ARG A 28 4.19 -0.57 -6.88
N GLY A 29 3.13 0.10 -7.31
CA GLY A 29 2.79 1.42 -6.78
C GLY A 29 2.43 1.34 -5.31
N LEU A 30 1.73 0.28 -4.94
CA LEU A 30 1.40 0.04 -3.53
C LEU A 30 2.65 -0.20 -2.70
N LEU A 31 3.59 -0.95 -3.26
CA LEU A 31 4.87 -1.20 -2.60
C LEU A 31 5.67 0.08 -2.45
N GLN A 32 5.63 0.93 -3.48
CA GLN A 32 6.28 2.23 -3.43
C GLN A 32 5.61 3.14 -2.40
N ALA A 33 4.29 3.04 -2.32
CA ALA A 33 3.54 3.81 -1.33
C ALA A 33 3.95 3.45 0.09
N PHE A 34 4.21 2.16 0.31
CA PHE A 34 4.69 1.69 1.60
C PHE A 34 6.08 2.26 1.91
N GLU A 35 6.92 2.36 0.87
CA GLU A 35 8.24 2.96 1.02
C GLU A 35 8.14 4.45 1.29
N LEU A 36 7.15 5.09 0.69
CA LEU A 36 6.88 6.50 0.96
C LEU A 36 6.41 6.71 2.39
N LEU A 37 5.62 5.77 2.89
CA LEU A 37 5.19 5.79 4.28
C LEU A 37 6.38 5.63 5.22
N LYS A 38 7.32 4.78 4.84
CA LYS A 38 8.55 4.61 5.60
C LYS A 38 9.34 5.92 5.67
N GLN A 39 9.35 6.67 4.57
CA GLN A 39 10.01 7.96 4.53
C GLN A 39 9.32 8.97 5.43
N SER A 40 7.99 8.93 5.46
CA SER A 40 7.20 9.83 6.28
C SER A 40 7.27 9.43 7.74
N GLN A 41 7.58 8.17 7.99
CA GLN A 41 7.70 7.66 9.36
C GLN A 41 8.92 8.26 10.05
N ASP A 2 -7.05 10.57 0.72
CA ASP A 2 -5.64 10.24 0.70
C ASP A 2 -5.42 8.74 0.87
N ILE A 3 -5.03 8.08 -0.21
CA ILE A 3 -4.85 6.64 -0.19
C ILE A 3 -3.75 6.22 0.77
N MET A 4 -2.62 6.92 0.72
CA MET A 4 -1.47 6.60 1.54
C MET A 4 -1.80 6.69 3.02
N GLU A 5 -2.68 7.62 3.37
CA GLU A 5 -3.16 7.75 4.74
C GLU A 5 -3.94 6.52 5.16
N LEU A 6 -4.73 5.97 4.23
CA LEU A 6 -5.45 4.73 4.48
C LEU A 6 -4.51 3.54 4.56
N LEU A 7 -3.43 3.60 3.77
CA LEU A 7 -2.47 2.50 3.71
C LEU A 7 -1.67 2.39 5.01
N LYS A 8 -1.72 3.44 5.81
CA LYS A 8 -1.05 3.45 7.10
C LYS A 8 -1.64 2.39 8.03
N ASN A 9 -2.87 1.99 7.75
CA ASN A 9 -3.55 0.98 8.55
C ASN A 9 -3.47 -0.39 7.89
N VAL A 10 -2.62 -0.51 6.88
CA VAL A 10 -2.49 -1.75 6.12
C VAL A 10 -1.06 -2.29 6.19
N ASP A 11 -0.93 -3.59 6.43
CA ASP A 11 0.37 -4.23 6.47
C ASP A 11 1.04 -4.20 5.11
N PRO A 12 2.19 -3.53 5.02
CA PRO A 12 2.94 -3.43 3.78
C PRO A 12 3.20 -4.81 3.19
N LYS A 13 3.40 -5.80 4.06
CA LYS A 13 3.73 -7.15 3.62
C LYS A 13 2.55 -7.81 2.92
N GLU A 14 1.35 -7.31 3.20
CA GLU A 14 0.14 -7.85 2.60
C GLU A 14 -0.45 -6.88 1.57
N TYR A 15 0.43 -6.09 0.95
CA TYR A 15 0.02 -5.17 -0.10
C TYR A 15 -0.69 -5.92 -1.23
N GLU A 16 -0.29 -7.16 -1.46
CA GLU A 16 -0.95 -8.01 -2.44
C GLU A 16 -2.41 -8.22 -2.09
N LYS A 17 -2.66 -8.58 -0.84
CA LYS A 17 -4.03 -8.81 -0.37
C LYS A 17 -4.88 -7.56 -0.51
N TYR A 18 -4.30 -6.41 -0.16
CA TYR A 18 -4.97 -5.13 -0.36
C TYR A 18 -5.36 -4.93 -1.81
N ALA A 19 -4.42 -5.18 -2.72
CA ALA A 19 -4.66 -5.03 -4.14
C ALA A 19 -5.79 -5.95 -4.61
N ARG A 20 -5.82 -7.16 -4.07
CA ARG A 20 -6.84 -8.13 -4.42
C ARG A 20 -8.22 -7.69 -3.93
N MET A 21 -8.25 -7.11 -2.74
CA MET A 21 -9.50 -6.68 -2.13
C MET A 21 -10.03 -5.40 -2.79
N TYR A 22 -9.12 -4.48 -3.08
CA TYR A 22 -9.49 -3.16 -3.56
C TYR A 22 -9.37 -3.05 -5.07
N GLY A 23 -8.89 -4.13 -5.69
CA GLY A 23 -8.85 -4.22 -7.15
C GLY A 23 -7.76 -3.31 -7.72
N ILE A 24 -6.59 -3.33 -7.10
CA ILE A 24 -5.47 -2.51 -7.54
C ILE A 24 -4.57 -3.27 -8.50
N THR A 25 -4.43 -2.75 -9.71
CA THR A 25 -3.61 -3.39 -10.73
C THR A 25 -2.15 -2.94 -10.62
N ASP A 26 -1.94 -1.76 -10.05
CA ASP A 26 -0.61 -1.22 -9.88
C ASP A 26 0.04 -1.73 -8.60
N PHE A 27 0.51 -2.97 -8.64
CA PHE A 27 1.12 -3.60 -7.48
C PHE A 27 2.41 -2.90 -7.08
N ARG A 28 3.16 -2.43 -8.08
CA ARG A 28 4.44 -1.78 -7.84
C ARG A 28 4.26 -0.43 -7.18
N GLY A 29 3.28 0.33 -7.65
CA GLY A 29 2.98 1.64 -7.09
C GLY A 29 2.43 1.53 -5.68
N LEU A 30 1.58 0.53 -5.46
CA LEU A 30 1.03 0.26 -4.13
C LEU A 30 2.15 -0.07 -3.14
N LEU A 31 3.03 -0.98 -3.51
CA LEU A 31 4.17 -1.34 -2.69
C LEU A 31 5.07 -0.13 -2.44
N GLN A 32 5.30 0.64 -3.49
CA GLN A 32 6.12 1.85 -3.39
C GLN A 32 5.51 2.85 -2.41
N ALA A 33 4.19 2.94 -2.43
CA ALA A 33 3.47 3.82 -1.50
C ALA A 33 3.74 3.42 -0.05
N PHE A 34 3.78 2.12 0.19
CA PHE A 34 4.12 1.61 1.52
C PHE A 34 5.54 1.97 1.90
N GLU A 35 6.44 1.91 0.92
CA GLU A 35 7.84 2.26 1.15
C GLU A 35 8.00 3.75 1.40
N LEU A 36 7.18 4.55 0.75
CA LEU A 36 7.15 5.99 0.99
C LEU A 36 6.66 6.30 2.39
N LEU A 37 5.69 5.52 2.87
CA LEU A 37 5.22 5.64 4.24
C LEU A 37 6.31 5.29 5.24
N LYS A 38 7.09 4.26 4.91
CA LYS A 38 8.23 3.89 5.73
C LYS A 38 9.24 5.02 5.84
N GLN A 39 9.43 5.74 4.74
CA GLN A 39 10.34 6.89 4.72
C GLN A 39 9.80 8.02 5.59
N SER A 40 8.48 8.22 5.55
CA SER A 40 7.84 9.28 6.33
C SER A 40 7.76 8.90 7.80
N GLN A 41 7.82 7.60 8.08
CA GLN A 41 7.79 7.11 9.45
C GLN A 41 9.11 7.41 10.16
N ASP A 2 -6.91 10.81 0.81
CA ASP A 2 -5.50 10.45 0.82
C ASP A 2 -5.33 8.94 0.95
N ILE A 3 -4.92 8.30 -0.15
CA ILE A 3 -4.79 6.85 -0.18
C ILE A 3 -3.73 6.37 0.81
N MET A 4 -2.58 7.04 0.81
CA MET A 4 -1.46 6.64 1.65
C MET A 4 -1.85 6.71 3.13
N GLU A 5 -2.66 7.69 3.48
CA GLU A 5 -3.19 7.81 4.84
C GLU A 5 -3.99 6.58 5.22
N LEU A 6 -4.75 6.05 4.28
CA LEU A 6 -5.50 4.81 4.48
C LEU A 6 -4.56 3.62 4.54
N LEU A 7 -3.48 3.67 3.76
CA LEU A 7 -2.53 2.57 3.69
C LEU A 7 -1.74 2.45 4.99
N LYS A 8 -1.74 3.52 5.78
CA LYS A 8 -1.09 3.50 7.09
C LYS A 8 -1.72 2.44 7.98
N ASN A 9 -2.96 2.07 7.69
CA ASN A 9 -3.67 1.06 8.47
C ASN A 9 -3.62 -0.30 7.81
N VAL A 10 -2.75 -0.43 6.81
CA VAL A 10 -2.62 -1.68 6.06
C VAL A 10 -1.20 -2.22 6.15
N ASP A 11 -1.08 -3.53 6.39
CA ASP A 11 0.21 -4.18 6.47
C ASP A 11 0.93 -4.16 5.13
N PRO A 12 2.06 -3.47 5.08
CA PRO A 12 2.85 -3.37 3.86
C PRO A 12 3.16 -4.76 3.28
N LYS A 13 3.36 -5.72 4.18
CA LYS A 13 3.75 -7.07 3.77
C LYS A 13 2.62 -7.76 3.02
N GLU A 14 1.39 -7.31 3.24
CA GLU A 14 0.23 -7.89 2.58
C GLU A 14 -0.38 -6.93 1.57
N TYR A 15 0.47 -6.07 1.00
CA TYR A 15 0.03 -5.13 -0.03
C TYR A 15 -0.66 -5.85 -1.18
N GLU A 16 -0.19 -7.07 -1.46
CA GLU A 16 -0.80 -7.89 -2.50
C GLU A 16 -2.25 -8.21 -2.17
N LYS A 17 -2.49 -8.66 -0.94
CA LYS A 17 -3.83 -8.99 -0.49
C LYS A 17 -4.76 -7.79 -0.55
N TYR A 18 -4.25 -6.63 -0.16
CA TYR A 18 -5.00 -5.39 -0.24
C TYR A 18 -5.37 -5.05 -1.67
N ALA A 19 -4.38 -5.16 -2.56
CA ALA A 19 -4.60 -4.90 -3.98
C ALA A 19 -5.67 -5.81 -4.56
N ARG A 20 -5.61 -7.09 -4.19
CA ARG A 20 -6.59 -8.06 -4.67
C ARG A 20 -7.98 -7.75 -4.14
N MET A 21 -8.05 -7.37 -2.87
CA MET A 21 -9.32 -6.99 -2.26
C MET A 21 -9.87 -5.72 -2.87
N TYR A 22 -9.05 -4.68 -2.90
CA TYR A 22 -9.49 -3.36 -3.35
C TYR A 22 -9.82 -3.36 -4.84
N GLY A 23 -8.87 -3.85 -5.64
CA GLY A 23 -9.01 -3.80 -7.09
C GLY A 23 -7.86 -3.04 -7.73
N ILE A 24 -6.67 -3.19 -7.15
CA ILE A 24 -5.50 -2.47 -7.63
C ILE A 24 -4.66 -3.35 -8.55
N THR A 25 -4.44 -2.88 -9.78
CA THR A 25 -3.63 -3.61 -10.74
C THR A 25 -2.17 -3.17 -10.66
N ASP A 26 -1.95 -1.96 -10.17
CA ASP A 26 -0.60 -1.42 -10.01
C ASP A 26 0.02 -1.88 -8.70
N PHE A 27 0.47 -3.12 -8.66
CA PHE A 27 1.04 -3.69 -7.43
C PHE A 27 2.33 -2.97 -7.05
N ARG A 28 3.11 -2.59 -8.06
CA ARG A 28 4.38 -1.90 -7.82
C ARG A 28 4.15 -0.54 -7.18
N GLY A 29 3.20 0.21 -7.74
CA GLY A 29 2.88 1.54 -7.22
C GLY A 29 2.39 1.47 -5.78
N LEU A 30 1.52 0.50 -5.51
CA LEU A 30 1.02 0.30 -4.15
C LEU A 30 2.15 0.01 -3.18
N LEU A 31 3.01 -0.93 -3.55
CA LEU A 31 4.18 -1.26 -2.72
C LEU A 31 5.05 -0.03 -2.49
N GLN A 32 5.27 0.74 -3.54
CA GLN A 32 6.07 1.95 -3.46
C GLN A 32 5.47 2.94 -2.47
N ALA A 33 4.14 3.04 -2.48
CA ALA A 33 3.42 3.90 -1.54
C ALA A 33 3.70 3.49 -0.10
N PHE A 34 3.75 2.18 0.14
CA PHE A 34 4.08 1.66 1.45
C PHE A 34 5.52 1.98 1.83
N GLU A 35 6.41 1.94 0.84
CA GLU A 35 7.81 2.28 1.06
C GLU A 35 7.98 3.76 1.36
N LEU A 36 7.15 4.59 0.73
CA LEU A 36 7.13 6.02 1.01
C LEU A 36 6.65 6.29 2.44
N LEU A 37 5.69 5.51 2.89
CA LEU A 37 5.23 5.58 4.27
C LEU A 37 6.33 5.18 5.24
N LYS A 38 7.09 4.17 4.88
CA LYS A 38 8.25 3.74 5.68
C LYS A 38 9.26 4.88 5.82
N GLN A 39 9.43 5.64 4.74
CA GLN A 39 10.35 6.78 4.76
C GLN A 39 9.81 7.89 5.66
N SER A 40 8.50 8.09 5.62
CA SER A 40 7.87 9.15 6.42
C SER A 40 7.90 8.81 7.90
N GLN A 41 7.99 7.53 8.21
CA GLN A 41 8.06 7.07 9.60
C GLN A 41 9.51 6.96 10.06
N ASP A 2 -7.01 10.59 0.73
CA ASP A 2 -5.59 10.25 0.74
C ASP A 2 -5.39 8.74 0.89
N ILE A 3 -4.97 8.11 -0.19
CA ILE A 3 -4.80 6.65 -0.20
C ILE A 3 -3.73 6.21 0.78
N MET A 4 -2.60 6.90 0.77
CA MET A 4 -1.48 6.55 1.63
C MET A 4 -1.84 6.63 3.10
N GLU A 5 -2.69 7.60 3.44
CA GLU A 5 -3.20 7.72 4.80
C GLU A 5 -3.98 6.48 5.20
N LEU A 6 -4.73 5.91 4.26
CA LEU A 6 -5.44 4.65 4.50
C LEU A 6 -4.47 3.49 4.56
N LEU A 7 -3.40 3.56 3.77
CA LEU A 7 -2.42 2.48 3.71
C LEU A 7 -1.61 2.40 5.00
N LYS A 8 -1.63 3.47 5.77
CA LYS A 8 -0.98 3.49 7.09
C LYS A 8 -1.56 2.43 8.00
N ASN A 9 -2.80 2.04 7.73
CA ASN A 9 -3.48 1.04 8.54
C ASN A 9 -3.43 -0.33 7.89
N VAL A 10 -2.58 -0.47 6.89
CA VAL A 10 -2.46 -1.73 6.15
C VAL A 10 -1.05 -2.26 6.21
N ASP A 11 -0.92 -3.57 6.46
CA ASP A 11 0.39 -4.22 6.50
C ASP A 11 1.05 -4.21 5.13
N PRO A 12 2.20 -3.53 5.05
CA PRO A 12 2.94 -3.45 3.79
C PRO A 12 3.19 -4.83 3.21
N LYS A 13 3.40 -5.81 4.08
CA LYS A 13 3.72 -7.17 3.66
C LYS A 13 2.54 -7.82 2.94
N GLU A 14 1.34 -7.31 3.22
CA GLU A 14 0.13 -7.84 2.61
C GLU A 14 -0.45 -6.88 1.58
N TYR A 15 0.43 -6.09 0.96
CA TYR A 15 0.01 -5.17 -0.08
C TYR A 15 -0.68 -5.91 -1.22
N GLU A 16 -0.28 -7.15 -1.45
CA GLU A 16 -0.94 -8.00 -2.43
C GLU A 16 -2.41 -8.21 -2.09
N LYS A 17 -2.66 -8.56 -0.83
CA LYS A 17 -4.03 -8.80 -0.37
C LYS A 17 -4.87 -7.54 -0.51
N TYR A 18 -4.30 -6.40 -0.17
CA TYR A 18 -4.96 -5.12 -0.36
C TYR A 18 -5.36 -4.91 -1.82
N ALA A 19 -4.41 -5.16 -2.72
CA ALA A 19 -4.66 -5.01 -4.16
C ALA A 19 -5.79 -5.94 -4.61
N ARG A 20 -5.81 -7.15 -4.07
CA ARG A 20 -6.83 -8.13 -4.42
C ARG A 20 -8.21 -7.68 -3.93
N MET A 21 -8.24 -7.10 -2.74
CA MET A 21 -9.49 -6.67 -2.13
C MET A 21 -10.02 -5.38 -2.79
N TYR A 22 -9.11 -4.47 -3.08
CA TYR A 22 -9.48 -3.14 -3.56
C TYR A 22 -9.36 -3.04 -5.07
N GLY A 23 -8.88 -4.11 -5.69
CA GLY A 23 -8.84 -4.20 -7.15
C GLY A 23 -7.75 -3.31 -7.73
N ILE A 24 -6.58 -3.31 -7.10
CA ILE A 24 -5.47 -2.49 -7.54
C ILE A 24 -4.57 -3.25 -8.50
N THR A 25 -4.43 -2.74 -9.72
CA THR A 25 -3.61 -3.38 -10.73
C THR A 25 -2.16 -2.93 -10.64
N ASP A 26 -1.95 -1.75 -10.07
CA ASP A 26 -0.61 -1.21 -9.90
C ASP A 26 0.03 -1.72 -8.61
N PHE A 27 0.50 -2.97 -8.65
CA PHE A 27 1.11 -3.59 -7.48
C PHE A 27 2.40 -2.88 -7.09
N ARG A 28 3.15 -2.43 -8.09
CA ARG A 28 4.43 -1.77 -7.86
C ARG A 28 4.25 -0.42 -7.19
N GLY A 29 3.26 0.34 -7.67
CA GLY A 29 2.96 1.66 -7.11
C GLY A 29 2.42 1.54 -5.69
N LEU A 30 1.57 0.54 -5.47
CA LEU A 30 1.04 0.27 -4.14
C LEU A 30 2.14 -0.05 -3.16
N LEU A 31 3.02 -0.97 -3.54
CA LEU A 31 4.17 -1.32 -2.71
C LEU A 31 5.06 -0.11 -2.47
N GLN A 32 5.29 0.67 -3.51
CA GLN A 32 6.11 1.88 -3.40
C GLN A 32 5.50 2.87 -2.42
N ALA A 33 4.17 2.96 -2.43
CA ALA A 33 3.45 3.82 -1.50
C ALA A 33 3.73 3.42 -0.06
N PHE A 34 3.78 2.12 0.19
CA PHE A 34 4.14 1.60 1.51
C PHE A 34 5.58 1.95 1.87
N GLU A 35 6.46 1.89 0.88
CA GLU A 35 7.86 2.24 1.09
C GLU A 35 8.03 3.73 1.37
N LEU A 36 7.18 4.54 0.75
CA LEU A 36 7.14 5.97 1.01
C LEU A 36 6.68 6.25 2.44
N LEU A 37 5.73 5.46 2.91
CA LEU A 37 5.25 5.55 4.29
C LEU A 37 6.35 5.14 5.27
N LYS A 38 7.15 4.16 4.88
CA LYS A 38 8.31 3.76 5.66
C LYS A 38 9.33 4.89 5.78
N GLN A 39 9.51 5.62 4.69
CA GLN A 39 10.40 6.78 4.70
C GLN A 39 9.81 7.92 5.53
N SER A 40 8.50 8.10 5.44
CA SER A 40 7.82 9.15 6.18
C SER A 40 7.88 8.90 7.68
N GLN A 41 7.40 7.73 8.10
CA GLN A 41 7.29 7.42 9.51
C GLN A 41 8.42 6.49 9.96
N ASP A 2 -6.50 10.78 0.61
CA ASP A 2 -5.18 10.21 0.35
C ASP A 2 -5.11 8.76 0.78
N ILE A 3 -4.92 7.86 -0.18
CA ILE A 3 -4.90 6.43 0.09
C ILE A 3 -3.75 6.07 1.03
N MET A 4 -2.67 6.83 0.96
CA MET A 4 -1.48 6.56 1.76
C MET A 4 -1.77 6.69 3.24
N GLU A 5 -2.66 7.61 3.59
CA GLU A 5 -3.14 7.75 4.96
C GLU A 5 -3.91 6.51 5.40
N LEU A 6 -4.69 5.94 4.48
CA LEU A 6 -5.42 4.72 4.74
C LEU A 6 -4.48 3.52 4.81
N LEU A 7 -3.42 3.56 4.01
CA LEU A 7 -2.47 2.45 3.93
C LEU A 7 -1.64 2.35 5.20
N LYS A 8 -1.67 3.40 6.01
CA LYS A 8 -0.98 3.40 7.30
C LYS A 8 -1.54 2.34 8.22
N ASN A 9 -2.79 1.94 7.97
CA ASN A 9 -3.44 0.92 8.79
C ASN A 9 -3.39 -0.44 8.10
N VAL A 10 -2.57 -0.56 7.07
CA VAL A 10 -2.46 -1.78 6.29
C VAL A 10 -1.05 -2.34 6.32
N ASP A 11 -0.94 -3.65 6.54
CA ASP A 11 0.36 -4.31 6.56
C ASP A 11 1.02 -4.27 5.18
N PRO A 12 2.16 -3.60 5.11
CA PRO A 12 2.90 -3.49 3.85
C PRO A 12 3.15 -4.85 3.24
N LYS A 13 3.35 -5.85 4.08
CA LYS A 13 3.69 -7.20 3.62
C LYS A 13 2.51 -7.84 2.89
N GLU A 14 1.31 -7.35 3.18
CA GLU A 14 0.10 -7.88 2.56
C GLU A 14 -0.47 -6.89 1.55
N TYR A 15 0.40 -6.07 0.96
CA TYR A 15 0.00 -5.16 -0.09
C TYR A 15 -0.69 -5.88 -1.24
N GLU A 16 -0.25 -7.12 -1.48
CA GLU A 16 -0.88 -7.95 -2.50
C GLU A 16 -2.35 -8.19 -2.19
N LYS A 17 -2.63 -8.57 -0.95
CA LYS A 17 -4.00 -8.83 -0.52
C LYS A 17 -4.86 -7.57 -0.63
N TYR A 18 -4.29 -6.44 -0.24
CA TYR A 18 -4.97 -5.16 -0.35
C TYR A 18 -5.36 -4.86 -1.79
N ALA A 19 -4.41 -5.06 -2.71
CA ALA A 19 -4.66 -4.84 -4.12
C ALA A 19 -5.77 -5.75 -4.64
N ARG A 20 -5.78 -6.99 -4.17
CA ARG A 20 -6.78 -7.95 -4.60
C ARG A 20 -8.17 -7.55 -4.12
N MET A 21 -8.24 -7.00 -2.91
CA MET A 21 -9.52 -6.60 -2.33
C MET A 21 -10.04 -5.32 -3.00
N TYR A 22 -9.14 -4.40 -3.28
CA TYR A 22 -9.52 -3.08 -3.78
C TYR A 22 -9.38 -3.00 -5.30
N GLY A 23 -8.93 -4.09 -5.90
CA GLY A 23 -8.90 -4.20 -7.35
C GLY A 23 -7.81 -3.33 -7.95
N ILE A 24 -6.64 -3.31 -7.32
CA ILE A 24 -5.52 -2.52 -7.79
C ILE A 24 -4.59 -3.35 -8.67
N THR A 25 -4.38 -2.89 -9.91
CA THR A 25 -3.52 -3.59 -10.85
C THR A 25 -2.08 -3.12 -10.71
N ASP A 26 -1.89 -1.92 -10.19
CA ASP A 26 -0.56 -1.36 -9.98
C ASP A 26 0.03 -1.84 -8.66
N PHE A 27 0.51 -3.08 -8.65
CA PHE A 27 1.06 -3.67 -7.43
C PHE A 27 2.34 -2.96 -7.01
N ARG A 28 3.13 -2.52 -7.98
CA ARG A 28 4.39 -1.86 -7.72
C ARG A 28 4.18 -0.49 -7.11
N GLY A 29 3.19 0.23 -7.61
CA GLY A 29 2.85 1.56 -7.10
C GLY A 29 2.33 1.47 -5.66
N LEU A 30 1.49 0.48 -5.40
CA LEU A 30 0.96 0.25 -4.06
C LEU A 30 2.09 -0.07 -3.08
N LEU A 31 2.97 -0.97 -3.47
CA LEU A 31 4.14 -1.31 -2.67
C LEU A 31 5.01 -0.09 -2.42
N GLN A 32 5.23 0.69 -3.47
CA GLN A 32 6.03 1.90 -3.37
C GLN A 32 5.41 2.89 -2.38
N ALA A 33 4.08 2.97 -2.39
CA ALA A 33 3.36 3.83 -1.44
C ALA A 33 3.67 3.43 0.00
N PHE A 34 3.74 2.13 0.25
CA PHE A 34 4.12 1.62 1.57
C PHE A 34 5.55 2.00 1.91
N GLU A 35 6.42 1.95 0.91
CA GLU A 35 7.82 2.32 1.10
C GLU A 35 7.97 3.81 1.36
N LEU A 36 7.11 4.60 0.73
CA LEU A 36 7.07 6.05 0.97
C LEU A 36 6.61 6.34 2.39
N LEU A 37 5.68 5.54 2.89
CA LEU A 37 5.22 5.66 4.27
C LEU A 37 6.34 5.29 5.24
N LYS A 38 7.14 4.30 4.87
CA LYS A 38 8.31 3.92 5.66
C LYS A 38 9.31 5.06 5.74
N GLN A 39 9.50 5.75 4.63
CA GLN A 39 10.37 6.92 4.59
C GLN A 39 9.78 8.07 5.38
N SER A 40 8.46 8.23 5.32
CA SER A 40 7.78 9.30 6.04
C SER A 40 7.90 9.11 7.54
N GLN A 41 7.76 7.86 7.99
CA GLN A 41 7.88 7.55 9.40
C GLN A 41 8.05 6.05 9.62
N ASP A 2 -7.28 8.68 -0.73
CA ASP A 2 -5.84 8.63 -0.48
C ASP A 2 -5.39 7.21 -0.16
N ILE A 3 -4.72 6.58 -1.12
CA ILE A 3 -4.30 5.19 -0.98
C ILE A 3 -3.34 5.02 0.18
N MET A 4 -2.36 5.91 0.26
CA MET A 4 -1.33 5.84 1.30
C MET A 4 -1.95 5.89 2.69
N GLU A 5 -2.95 6.75 2.85
CA GLU A 5 -3.65 6.89 4.13
C GLU A 5 -4.32 5.58 4.53
N LEU A 6 -4.86 4.87 3.54
CA LEU A 6 -5.46 3.56 3.78
C LEU A 6 -4.39 2.52 4.08
N LEU A 7 -3.25 2.65 3.42
CA LEU A 7 -2.16 1.68 3.58
C LEU A 7 -1.50 1.81 4.95
N LYS A 8 -1.75 2.93 5.61
CA LYS A 8 -1.28 3.13 6.98
C LYS A 8 -1.84 2.07 7.92
N ASN A 9 -2.99 1.52 7.55
CA ASN A 9 -3.63 0.50 8.36
C ASN A 9 -3.38 -0.90 7.79
N VAL A 10 -2.45 -0.99 6.85
CA VAL A 10 -2.16 -2.24 6.17
C VAL A 10 -0.67 -2.58 6.25
N ASP A 11 -0.38 -3.83 6.57
CA ASP A 11 1.01 -4.30 6.58
C ASP A 11 1.60 -4.31 5.17
N PRO A 12 2.87 -3.94 5.07
CA PRO A 12 3.56 -3.91 3.79
C PRO A 12 3.43 -5.25 3.07
N LYS A 13 3.47 -6.34 3.83
CA LYS A 13 3.42 -7.67 3.25
C LYS A 13 2.03 -7.98 2.70
N GLU A 14 1.04 -7.17 3.10
CA GLU A 14 -0.33 -7.40 2.71
C GLU A 14 -0.75 -6.44 1.61
N TYR A 15 0.23 -5.87 0.92
CA TYR A 15 -0.03 -5.04 -0.26
C TYR A 15 -0.90 -5.78 -1.27
N GLU A 16 -0.72 -7.09 -1.35
CA GLU A 16 -1.53 -7.92 -2.23
C GLU A 16 -2.99 -7.92 -1.79
N LYS A 17 -3.21 -8.12 -0.49
CA LYS A 17 -4.57 -8.14 0.06
C LYS A 17 -5.30 -6.84 -0.23
N TYR A 18 -4.61 -5.72 -0.05
CA TYR A 18 -5.16 -4.41 -0.37
C TYR A 18 -5.58 -4.34 -1.83
N ALA A 19 -4.70 -4.78 -2.73
CA ALA A 19 -4.98 -4.78 -4.15
C ALA A 19 -6.22 -5.62 -4.46
N ARG A 20 -6.36 -6.75 -3.79
CA ARG A 20 -7.49 -7.63 -4.00
C ARG A 20 -8.79 -7.00 -3.52
N MET A 21 -8.71 -6.27 -2.41
CA MET A 21 -9.90 -5.65 -1.83
C MET A 21 -10.33 -4.42 -2.64
N TYR A 22 -9.36 -3.64 -3.08
CA TYR A 22 -9.64 -2.35 -3.70
C TYR A 22 -9.47 -2.42 -5.21
N GLY A 23 -9.07 -3.58 -5.71
CA GLY A 23 -9.02 -3.82 -7.15
C GLY A 23 -7.87 -3.06 -7.79
N ILE A 24 -6.71 -3.11 -7.15
CA ILE A 24 -5.53 -2.38 -7.63
C ILE A 24 -4.66 -3.27 -8.50
N THR A 25 -4.40 -2.83 -9.72
CA THR A 25 -3.56 -3.58 -10.65
C THR A 25 -2.09 -3.19 -10.50
N ASP A 26 -1.85 -1.99 -9.99
CA ASP A 26 -0.49 -1.49 -9.80
C ASP A 26 0.08 -1.96 -8.48
N PHE A 27 0.52 -3.21 -8.44
CA PHE A 27 1.06 -3.80 -7.21
C PHE A 27 2.36 -3.10 -6.80
N ARG A 28 3.16 -2.72 -7.78
CA ARG A 28 4.42 -2.05 -7.52
C ARG A 28 4.20 -0.64 -6.97
N GLY A 29 3.14 0.00 -7.44
CA GLY A 29 2.76 1.32 -6.93
C GLY A 29 2.43 1.26 -5.44
N LEU A 30 1.72 0.21 -5.04
CA LEU A 30 1.40 0.00 -3.63
C LEU A 30 2.66 -0.22 -2.81
N LEU A 31 3.60 -0.97 -3.35
CA LEU A 31 4.88 -1.19 -2.69
C LEU A 31 5.66 0.11 -2.55
N GLN A 32 5.63 0.93 -3.60
CA GLN A 32 6.28 2.24 -3.57
C GLN A 32 5.60 3.15 -2.56
N ALA A 33 4.27 3.06 -2.49
CA ALA A 33 3.50 3.84 -1.52
C ALA A 33 3.93 3.52 -0.09
N PHE A 34 4.19 2.25 0.17
CA PHE A 34 4.70 1.83 1.48
C PHE A 34 6.09 2.39 1.73
N GLU A 35 6.92 2.42 0.69
CA GLU A 35 8.25 2.99 0.79
C GLU A 35 8.19 4.50 1.05
N LEU A 36 7.15 5.14 0.53
CA LEU A 36 6.91 6.55 0.81
C LEU A 36 6.44 6.76 2.24
N LEU A 37 5.61 5.84 2.73
CA LEU A 37 5.15 5.88 4.11
C LEU A 37 6.29 5.72 5.08
N LYS A 38 7.29 4.92 4.70
CA LYS A 38 8.47 4.69 5.53
C LYS A 38 9.23 5.98 5.77
N GLN A 39 9.04 6.95 4.87
CA GLN A 39 9.77 8.21 4.95
C GLN A 39 9.28 9.06 6.12
N SER A 40 8.10 8.74 6.62
CA SER A 40 7.53 9.46 7.76
C SER A 40 7.92 8.79 9.08
N GLN A 41 8.63 7.68 8.98
CA GLN A 41 9.00 6.91 10.16
C GLN A 41 10.41 7.23 10.62
N ASP A 2 -6.97 8.65 -1.17
CA ASP A 2 -5.53 8.54 -0.97
C ASP A 2 -5.15 7.13 -0.51
N ILE A 3 -4.57 6.35 -1.42
CA ILE A 3 -4.22 4.97 -1.14
C ILE A 3 -3.16 4.89 -0.05
N MET A 4 -2.11 5.71 -0.19
CA MET A 4 -1.01 5.71 0.76
C MET A 4 -1.50 5.94 2.18
N GLU A 5 -2.49 6.81 2.32
CA GLU A 5 -3.13 7.05 3.61
C GLU A 5 -3.80 5.78 4.14
N LEU A 6 -4.53 5.10 3.26
CA LEU A 6 -5.21 3.87 3.64
C LEU A 6 -4.22 2.78 4.03
N LEU A 7 -3.05 2.79 3.39
CA LEU A 7 -2.06 1.74 3.59
C LEU A 7 -1.38 1.87 4.95
N LYS A 8 -1.65 3.00 5.63
CA LYS A 8 -1.10 3.23 6.96
C LYS A 8 -1.61 2.20 7.96
N ASN A 9 -2.76 1.61 7.66
CA ASN A 9 -3.33 0.58 8.51
C ASN A 9 -3.31 -0.78 7.82
N VAL A 10 -2.37 -0.95 6.88
CA VAL A 10 -2.26 -2.18 6.11
C VAL A 10 -0.88 -2.79 6.24
N ASP A 11 -0.83 -4.10 6.48
CA ASP A 11 0.43 -4.83 6.51
C ASP A 11 1.12 -4.81 5.15
N PRO A 12 2.33 -4.25 5.11
CA PRO A 12 3.09 -4.18 3.87
C PRO A 12 3.17 -5.54 3.20
N LYS A 13 3.26 -6.60 4.00
CA LYS A 13 3.40 -7.95 3.47
C LYS A 13 2.12 -8.41 2.79
N GLU A 14 1.01 -7.79 3.14
CA GLU A 14 -0.29 -8.16 2.58
C GLU A 14 -0.79 -7.11 1.60
N TYR A 15 0.15 -6.39 0.98
CA TYR A 15 -0.20 -5.40 -0.04
C TYR A 15 -0.98 -6.03 -1.17
N GLU A 16 -0.72 -7.31 -1.43
CA GLU A 16 -1.47 -8.06 -2.43
C GLU A 16 -2.94 -8.15 -2.06
N LYS A 17 -3.20 -8.51 -0.80
CA LYS A 17 -4.57 -8.64 -0.31
C LYS A 17 -5.31 -7.31 -0.42
N TYR A 18 -4.63 -6.23 -0.10
CA TYR A 18 -5.18 -4.89 -0.29
C TYR A 18 -5.60 -4.66 -1.74
N ALA A 19 -4.71 -4.99 -2.67
CA ALA A 19 -4.99 -4.85 -4.09
C ALA A 19 -6.22 -5.66 -4.48
N ARG A 20 -6.34 -6.86 -3.93
CA ARG A 20 -7.46 -7.75 -4.24
C ARG A 20 -8.77 -7.18 -3.72
N MET A 21 -8.71 -6.57 -2.55
CA MET A 21 -9.90 -6.01 -1.90
C MET A 21 -10.33 -4.70 -2.57
N TYR A 22 -9.34 -3.88 -2.90
CA TYR A 22 -9.61 -2.52 -3.38
C TYR A 22 -9.50 -2.45 -4.91
N GLY A 23 -9.11 -3.56 -5.52
CA GLY A 23 -9.08 -3.67 -6.97
C GLY A 23 -7.95 -2.85 -7.56
N ILE A 24 -6.77 -2.94 -6.94
CA ILE A 24 -5.61 -2.18 -7.39
C ILE A 24 -4.75 -3.01 -8.33
N THR A 25 -4.49 -2.47 -9.52
CA THR A 25 -3.65 -3.15 -10.50
C THR A 25 -2.20 -2.74 -10.37
N ASP A 26 -1.97 -1.57 -9.79
CA ASP A 26 -0.61 -1.06 -9.61
C ASP A 26 0.02 -1.60 -8.33
N PHE A 27 0.49 -2.85 -8.40
CA PHE A 27 1.07 -3.50 -7.23
C PHE A 27 2.36 -2.83 -6.81
N ARG A 28 3.12 -2.34 -7.78
CA ARG A 28 4.38 -1.66 -7.49
C ARG A 28 4.14 -0.30 -6.85
N GLY A 29 3.06 0.36 -7.25
CA GLY A 29 2.68 1.63 -6.65
C GLY A 29 2.33 1.47 -5.18
N LEU A 30 1.67 0.36 -4.85
CA LEU A 30 1.36 0.05 -3.45
C LEU A 30 2.64 -0.10 -2.62
N LEU A 31 3.61 -0.82 -3.18
CA LEU A 31 4.88 -1.01 -2.51
C LEU A 31 5.64 0.31 -2.36
N GLN A 32 5.58 1.13 -3.40
CA GLN A 32 6.20 2.45 -3.37
C GLN A 32 5.57 3.34 -2.32
N ALA A 33 4.25 3.25 -2.20
CA ALA A 33 3.51 4.01 -1.19
C ALA A 33 3.95 3.62 0.21
N PHE A 34 4.19 2.33 0.42
CA PHE A 34 4.69 1.85 1.70
C PHE A 34 6.09 2.38 1.98
N GLU A 35 6.89 2.50 0.93
CA GLU A 35 8.24 3.06 1.06
C GLU A 35 8.17 4.56 1.37
N LEU A 36 7.17 5.23 0.81
CA LEU A 36 6.93 6.64 1.11
C LEU A 36 6.50 6.81 2.57
N LEU A 37 5.72 5.87 3.08
CA LEU A 37 5.33 5.86 4.47
C LEU A 37 6.54 5.66 5.38
N LYS A 38 7.47 4.80 4.95
CA LYS A 38 8.71 4.59 5.67
C LYS A 38 9.53 5.88 5.75
N GLN A 39 9.51 6.65 4.67
CA GLN A 39 10.21 7.94 4.64
C GLN A 39 9.56 8.94 5.59
N SER A 40 8.23 8.91 5.66
CA SER A 40 7.49 9.80 6.54
C SER A 40 7.59 9.36 7.99
N GLN A 41 7.88 8.08 8.19
CA GLN A 41 8.03 7.53 9.53
C GLN A 41 9.28 8.07 10.21
N ASP A 2 -7.24 8.84 -0.55
CA ASP A 2 -5.80 8.77 -0.33
C ASP A 2 -5.36 7.35 -0.02
N ILE A 3 -4.71 6.71 -0.99
CA ILE A 3 -4.30 5.32 -0.85
C ILE A 3 -3.30 5.15 0.29
N MET A 4 -2.31 6.04 0.34
CA MET A 4 -1.26 5.95 1.36
C MET A 4 -1.85 6.02 2.76
N GLU A 5 -2.83 6.89 2.95
CA GLU A 5 -3.51 7.02 4.23
C GLU A 5 -4.16 5.70 4.65
N LEU A 6 -4.73 5.00 3.68
CA LEU A 6 -5.30 3.69 3.93
C LEU A 6 -4.22 2.65 4.24
N LEU A 7 -3.10 2.77 3.52
CA LEU A 7 -2.02 1.78 3.64
C LEU A 7 -1.32 1.91 4.99
N LYS A 8 -1.51 3.04 5.65
CA LYS A 8 -0.97 3.25 7.00
C LYS A 8 -1.45 2.16 7.95
N ASN A 9 -2.63 1.63 7.68
CA ASN A 9 -3.22 0.60 8.54
C ASN A 9 -3.21 -0.77 7.84
N VAL A 10 -2.29 -0.93 6.89
CA VAL A 10 -2.18 -2.17 6.15
C VAL A 10 -0.77 -2.76 6.25
N ASP A 11 -0.69 -4.06 6.51
CA ASP A 11 0.58 -4.76 6.51
C ASP A 11 1.22 -4.76 5.13
N PRO A 12 2.43 -4.20 5.05
CA PRO A 12 3.16 -4.14 3.79
C PRO A 12 3.22 -5.51 3.11
N LYS A 13 3.33 -6.55 3.92
CA LYS A 13 3.43 -7.91 3.41
C LYS A 13 2.13 -8.36 2.76
N GLU A 14 1.03 -7.73 3.15
CA GLU A 14 -0.28 -8.07 2.61
C GLU A 14 -0.74 -7.04 1.58
N TYR A 15 0.22 -6.41 0.91
CA TYR A 15 -0.09 -5.49 -0.18
C TYR A 15 -0.96 -6.15 -1.24
N GLU A 16 -0.75 -7.46 -1.43
CA GLU A 16 -1.56 -8.23 -2.36
C GLU A 16 -3.03 -8.20 -1.98
N LYS A 17 -3.31 -8.47 -0.70
CA LYS A 17 -4.67 -8.50 -0.20
C LYS A 17 -5.36 -7.16 -0.40
N TYR A 18 -4.63 -6.08 -0.13
CA TYR A 18 -5.14 -4.73 -0.37
C TYR A 18 -5.52 -4.54 -1.83
N ALA A 19 -4.62 -4.95 -2.73
CA ALA A 19 -4.86 -4.84 -4.16
C ALA A 19 -6.13 -5.61 -4.56
N ARG A 20 -6.30 -6.78 -3.97
CA ARG A 20 -7.46 -7.62 -4.28
C ARG A 20 -8.75 -6.98 -3.78
N MET A 21 -8.69 -6.38 -2.59
CA MET A 21 -9.87 -5.79 -1.98
C MET A 21 -10.26 -4.49 -2.67
N TYR A 22 -9.26 -3.69 -3.02
CA TYR A 22 -9.51 -2.35 -3.54
C TYR A 22 -9.38 -2.32 -5.06
N GLY A 23 -9.02 -3.45 -5.64
CA GLY A 23 -8.99 -3.60 -7.09
C GLY A 23 -7.84 -2.82 -7.71
N ILE A 24 -6.67 -2.90 -7.08
CA ILE A 24 -5.50 -2.18 -7.55
C ILE A 24 -4.63 -3.05 -8.44
N THR A 25 -4.36 -2.57 -9.65
CA THR A 25 -3.53 -3.30 -10.60
C THR A 25 -2.06 -2.95 -10.44
N ASP A 26 -1.79 -1.73 -10.00
CA ASP A 26 -0.43 -1.27 -9.79
C ASP A 26 0.08 -1.66 -8.42
N PHE A 27 0.41 -2.94 -8.25
CA PHE A 27 0.91 -3.45 -6.99
C PHE A 27 2.28 -2.88 -6.65
N ARG A 28 3.01 -2.48 -7.69
CA ARG A 28 4.32 -1.85 -7.51
C ARG A 28 4.18 -0.45 -6.93
N GLY A 29 3.12 0.24 -7.32
CA GLY A 29 2.81 1.55 -6.75
C GLY A 29 2.46 1.44 -5.27
N LEU A 30 1.75 0.37 -4.92
CA LEU A 30 1.43 0.09 -3.52
C LEU A 30 2.69 -0.16 -2.71
N LEU A 31 3.61 -0.94 -3.27
CA LEU A 31 4.88 -1.21 -2.62
C LEU A 31 5.70 0.06 -2.44
N GLN A 32 5.70 0.90 -3.47
CA GLN A 32 6.37 2.20 -3.39
C GLN A 32 5.70 3.11 -2.36
N ALA A 33 4.37 3.04 -2.30
CA ALA A 33 3.62 3.83 -1.34
C ALA A 33 4.01 3.47 0.09
N PHE A 34 4.21 2.18 0.34
CA PHE A 34 4.67 1.71 1.65
C PHE A 34 6.05 2.26 1.97
N GLU A 35 6.92 2.32 0.96
CA GLU A 35 8.26 2.87 1.14
C GLU A 35 8.21 4.37 1.38
N LEU A 36 7.26 5.04 0.73
CA LEU A 36 7.03 6.46 0.96
C LEU A 36 6.52 6.73 2.37
N LEU A 37 5.69 5.83 2.87
CA LEU A 37 5.23 5.90 4.25
C LEU A 37 6.37 5.72 5.23
N LYS A 38 7.30 4.82 4.89
CA LYS A 38 8.50 4.63 5.70
C LYS A 38 9.33 5.90 5.77
N GLN A 39 9.39 6.63 4.65
CA GLN A 39 10.11 7.88 4.59
C GLN A 39 9.43 8.94 5.45
N SER A 40 8.10 8.95 5.44
CA SER A 40 7.33 9.91 6.22
C SER A 40 7.33 9.53 7.70
N GLN A 41 7.59 8.26 7.98
CA GLN A 41 7.65 7.78 9.35
C GLN A 41 8.86 8.35 10.08
N ASP A 2 -7.26 8.63 -0.76
CA ASP A 2 -5.82 8.59 -0.50
C ASP A 2 -5.35 7.18 -0.16
N ILE A 3 -4.69 6.54 -1.11
CA ILE A 3 -4.24 5.16 -0.95
C ILE A 3 -3.26 5.04 0.20
N MET A 4 -2.29 5.95 0.25
CA MET A 4 -1.25 5.91 1.28
C MET A 4 -1.85 5.98 2.67
N GLU A 5 -2.91 6.77 2.82
CA GLU A 5 -3.60 6.90 4.09
C GLU A 5 -4.26 5.58 4.49
N LEU A 6 -4.82 4.89 3.51
CA LEU A 6 -5.43 3.59 3.74
C LEU A 6 -4.38 2.53 4.07
N LEU A 7 -3.22 2.65 3.44
CA LEU A 7 -2.16 1.65 3.60
C LEU A 7 -1.52 1.76 4.98
N LYS A 8 -1.80 2.85 5.68
CA LYS A 8 -1.31 3.04 7.04
C LYS A 8 -1.87 1.97 7.97
N ASN A 9 -3.02 1.41 7.60
CA ASN A 9 -3.64 0.36 8.39
C ASN A 9 -3.41 -1.01 7.78
N VAL A 10 -2.48 -1.08 6.84
CA VAL A 10 -2.20 -2.32 6.12
C VAL A 10 -0.73 -2.71 6.23
N ASP A 11 -0.50 -3.99 6.52
CA ASP A 11 0.86 -4.53 6.55
C ASP A 11 1.50 -4.48 5.17
N PRO A 12 2.75 -4.04 5.11
CA PRO A 12 3.48 -3.94 3.85
C PRO A 12 3.40 -5.24 3.07
N LYS A 13 3.44 -6.36 3.77
CA LYS A 13 3.46 -7.67 3.15
C LYS A 13 2.07 -8.05 2.63
N GLU A 14 1.06 -7.31 3.06
CA GLU A 14 -0.31 -7.57 2.65
C GLU A 14 -0.77 -6.59 1.59
N TYR A 15 0.19 -5.96 0.92
CA TYR A 15 -0.10 -5.10 -0.22
C TYR A 15 -0.96 -5.81 -1.25
N GLU A 16 -0.75 -7.12 -1.38
CA GLU A 16 -1.56 -7.94 -2.28
C GLU A 16 -3.01 -7.95 -1.85
N LYS A 17 -3.24 -8.19 -0.56
CA LYS A 17 -4.60 -8.23 -0.01
C LYS A 17 -5.33 -6.91 -0.25
N TYR A 18 -4.63 -5.80 -0.04
CA TYR A 18 -5.18 -4.49 -0.33
C TYR A 18 -5.61 -4.38 -1.80
N ALA A 19 -4.72 -4.80 -2.69
CA ALA A 19 -5.00 -4.77 -4.12
C ALA A 19 -6.24 -5.58 -4.46
N ARG A 20 -6.38 -6.74 -3.81
CA ARG A 20 -7.52 -7.62 -4.05
C ARG A 20 -8.82 -6.99 -3.56
N MET A 21 -8.74 -6.28 -2.43
CA MET A 21 -9.92 -5.67 -1.84
C MET A 21 -10.34 -4.43 -2.63
N TYR A 22 -9.37 -3.64 -3.06
CA TYR A 22 -9.64 -2.34 -3.66
C TYR A 22 -9.48 -2.38 -5.16
N GLY A 23 -9.09 -3.54 -5.69
CA GLY A 23 -9.04 -3.76 -7.12
C GLY A 23 -7.88 -2.99 -7.76
N ILE A 24 -6.72 -3.04 -7.11
CA ILE A 24 -5.55 -2.32 -7.59
C ILE A 24 -4.68 -3.21 -8.47
N THR A 25 -4.41 -2.74 -9.69
CA THR A 25 -3.58 -3.49 -10.63
C THR A 25 -2.11 -3.11 -10.48
N ASP A 26 -1.86 -1.92 -9.95
CA ASP A 26 -0.50 -1.44 -9.76
C ASP A 26 0.09 -1.93 -8.44
N PHE A 27 0.51 -3.19 -8.42
CA PHE A 27 1.04 -3.80 -7.21
C PHE A 27 2.34 -3.14 -6.80
N ARG A 28 3.14 -2.74 -7.77
CA ARG A 28 4.43 -2.09 -7.50
C ARG A 28 4.22 -0.70 -6.93
N GLY A 29 3.18 -0.02 -7.40
CA GLY A 29 2.84 1.31 -6.88
C GLY A 29 2.49 1.24 -5.40
N LEU A 30 1.78 0.20 -5.01
CA LEU A 30 1.45 -0.01 -3.60
C LEU A 30 2.69 -0.21 -2.76
N LEU A 31 3.65 -0.97 -3.29
CA LEU A 31 4.92 -1.18 -2.61
C LEU A 31 5.71 0.12 -2.49
N GLN A 32 5.67 0.92 -3.56
CA GLN A 32 6.30 2.24 -3.55
C GLN A 32 5.63 3.16 -2.55
N ALA A 33 4.31 3.07 -2.46
CA ALA A 33 3.55 3.86 -1.50
C ALA A 33 3.98 3.54 -0.07
N PHE A 34 4.21 2.26 0.20
CA PHE A 34 4.70 1.83 1.50
C PHE A 34 6.07 2.39 1.80
N GLU A 35 6.91 2.44 0.78
CA GLU A 35 8.25 3.02 0.91
C GLU A 35 8.18 4.52 1.16
N LEU A 36 7.18 5.17 0.58
CA LEU A 36 6.93 6.58 0.83
C LEU A 36 6.43 6.82 2.24
N LEU A 37 5.63 5.87 2.74
CA LEU A 37 5.16 5.92 4.12
C LEU A 37 6.30 5.76 5.11
N LYS A 38 7.27 4.93 4.75
CA LYS A 38 8.45 4.71 5.58
C LYS A 38 9.23 6.01 5.80
N GLN A 39 9.15 6.90 4.81
CA GLN A 39 9.90 8.14 4.85
C GLN A 39 9.38 9.07 5.95
N SER A 40 8.14 8.83 6.38
CA SER A 40 7.52 9.64 7.42
C SER A 40 7.94 9.17 8.80
N GLN A 41 8.60 8.01 8.86
CA GLN A 41 8.97 7.40 10.13
C GLN A 41 10.43 7.71 10.48
N ASP A 2 -7.15 8.55 -0.21
CA ASP A 2 -5.71 8.53 0.04
C ASP A 2 -5.22 7.11 0.30
N ILE A 3 -4.52 6.54 -0.67
CA ILE A 3 -4.05 5.16 -0.57
C ILE A 3 -3.08 4.99 0.59
N MET A 4 -2.12 5.91 0.69
CA MET A 4 -1.09 5.82 1.70
C MET A 4 -1.69 5.84 3.11
N GLU A 5 -2.76 6.60 3.27
CA GLU A 5 -3.48 6.65 4.54
C GLU A 5 -4.08 5.29 4.89
N LEU A 6 -4.69 4.64 3.89
CA LEU A 6 -5.26 3.31 4.07
C LEU A 6 -4.18 2.29 4.37
N LEU A 7 -3.00 2.50 3.80
CA LEU A 7 -1.89 1.55 3.95
C LEU A 7 -1.14 1.78 5.26
N LYS A 8 -1.69 2.66 6.09
CA LYS A 8 -1.22 2.82 7.46
C LYS A 8 -1.76 1.71 8.36
N ASN A 9 -2.85 1.09 7.91
CA ASN A 9 -3.44 -0.02 8.65
C ASN A 9 -3.10 -1.36 7.99
N VAL A 10 -2.99 -1.35 6.68
CA VAL A 10 -2.59 -2.54 5.93
C VAL A 10 -1.08 -2.75 6.02
N ASP A 11 -0.67 -3.97 6.37
CA ASP A 11 0.74 -4.31 6.49
C ASP A 11 1.42 -4.33 5.13
N PRO A 12 2.71 -4.02 5.10
CA PRO A 12 3.49 -4.05 3.87
C PRO A 12 3.33 -5.38 3.15
N LYS A 13 3.29 -6.46 3.91
CA LYS A 13 3.18 -7.79 3.34
C LYS A 13 1.80 -8.03 2.77
N GLU A 14 0.85 -7.17 3.14
CA GLU A 14 -0.54 -7.34 2.73
C GLU A 14 -0.90 -6.41 1.59
N TYR A 15 0.12 -5.88 0.92
CA TYR A 15 -0.09 -5.06 -0.27
C TYR A 15 -0.94 -5.79 -1.29
N GLU A 16 -0.80 -7.10 -1.35
CA GLU A 16 -1.61 -7.93 -2.23
C GLU A 16 -3.08 -7.88 -1.82
N LYS A 17 -3.33 -8.04 -0.52
CA LYS A 17 -4.69 -8.02 0.00
C LYS A 17 -5.41 -6.72 -0.36
N TYR A 18 -4.70 -5.61 -0.18
CA TYR A 18 -5.25 -4.30 -0.53
C TYR A 18 -5.62 -4.25 -2.01
N ALA A 19 -4.72 -4.72 -2.86
CA ALA A 19 -4.97 -4.75 -4.30
C ALA A 19 -6.21 -5.56 -4.63
N ARG A 20 -6.37 -6.68 -3.94
CA ARG A 20 -7.52 -7.56 -4.17
C ARG A 20 -8.82 -6.90 -3.72
N MET A 21 -8.76 -6.17 -2.61
CA MET A 21 -9.94 -5.53 -2.05
C MET A 21 -10.34 -4.31 -2.86
N TYR A 22 -9.35 -3.53 -3.29
CA TYR A 22 -9.60 -2.23 -3.90
C TYR A 22 -9.40 -2.29 -5.41
N GLY A 23 -9.02 -3.46 -5.90
CA GLY A 23 -8.94 -3.71 -7.35
C GLY A 23 -7.77 -2.97 -7.97
N ILE A 24 -6.62 -3.04 -7.31
CA ILE A 24 -5.43 -2.33 -7.78
C ILE A 24 -4.56 -3.24 -8.64
N THR A 25 -4.26 -2.79 -9.86
CA THR A 25 -3.45 -3.56 -10.78
C THR A 25 -1.97 -3.21 -10.64
N ASP A 26 -1.70 -2.04 -10.07
CA ASP A 26 -0.33 -1.59 -9.85
C ASP A 26 0.18 -2.02 -8.49
N PHE A 27 0.68 -3.25 -8.40
CA PHE A 27 1.15 -3.80 -7.13
C PHE A 27 2.42 -3.11 -6.67
N ARG A 28 3.26 -2.72 -7.63
CA ARG A 28 4.52 -2.04 -7.33
C ARG A 28 4.27 -0.63 -6.81
N GLY A 29 3.21 -0.01 -7.31
CA GLY A 29 2.80 1.32 -6.84
C GLY A 29 2.43 1.27 -5.36
N LEU A 30 1.71 0.22 -4.96
CA LEU A 30 1.35 0.02 -3.56
C LEU A 30 2.59 -0.18 -2.70
N LEU A 31 3.55 -0.95 -3.23
CA LEU A 31 4.82 -1.16 -2.54
C LEU A 31 5.60 0.14 -2.41
N GLN A 32 5.55 0.97 -3.46
CA GLN A 32 6.18 2.27 -3.43
C GLN A 32 5.52 3.19 -2.40
N ALA A 33 4.19 3.08 -2.30
CA ALA A 33 3.45 3.84 -1.30
C ALA A 33 3.91 3.50 0.11
N PHE A 34 4.19 2.22 0.34
CA PHE A 34 4.72 1.77 1.61
C PHE A 34 6.11 2.34 1.88
N GLU A 35 6.91 2.43 0.82
CA GLU A 35 8.24 3.02 0.91
C GLU A 35 8.15 4.52 1.18
N LEU A 36 7.14 5.16 0.62
CA LEU A 36 6.89 6.57 0.87
C LEU A 36 6.46 6.79 2.32
N LEU A 37 5.68 5.86 2.86
CA LEU A 37 5.31 5.88 4.26
C LEU A 37 6.52 5.73 5.17
N LYS A 38 7.44 4.86 4.76
CA LYS A 38 8.70 4.68 5.48
C LYS A 38 9.49 5.99 5.53
N GLN A 39 9.45 6.73 4.44
CA GLN A 39 10.12 8.03 4.37
C GLN A 39 9.45 9.05 5.27
N SER A 40 8.12 9.00 5.33
CA SER A 40 7.34 9.95 6.12
C SER A 40 7.53 9.71 7.61
N GLN A 41 7.86 8.47 7.96
CA GLN A 41 8.07 8.11 9.37
C GLN A 41 9.54 8.18 9.74
#